data_3JUG
#
_entry.id   3JUG
#
_cell.length_a   59.033
_cell.length_b   63.312
_cell.length_c   83.342
_cell.angle_alpha   90.00
_cell.angle_beta   90.00
_cell.angle_gamma   90.00
#
_symmetry.space_group_name_H-M   'P 21 21 21'
#
loop_
_entity.id
_entity.type
_entity.pdbx_description
1 polymer Beta-mannanase
2 non-polymer 'SULFATE ION'
3 water water
#
_entity_poly.entity_id   1
_entity_poly.type   'polypeptide(L)'
_entity_poly.pdbx_seq_one_letter_code
;MGSSHHHHHSSGLVPRGSHMASSGFYVDGNTLYDANGQPFVMKGINHGHAWYKDTASTAIPAIAEQGANTIRIVLSDGGQ
WEKDDIDTVREVIELAEQNKMVAVVEVHDATGRDSRSDLDRAVDYWIEMKDALIGKEDTVIINIANEWYGSWDGAAWADG
YIDVIPKLRDAGLTHTLMVDAAGWGQYPQSIHDYGQDVFNADPLKNTIFSIHMYEYAGGDANTVRSNIDRVIDQDLALVI
GEFGHRHTDGDVDEDTILSYSEETGTGWLAWSWKGNSAEWDYLDLSEDWAGNHLTDWGNRIVHGANGLQETSKPSTVFTG
SEFELRRQACGRTRAPPPPPLRSGC
;
_entity_poly.pdbx_strand_id   A
#
loop_
_chem_comp.id
_chem_comp.type
_chem_comp.name
_chem_comp.formula
SO4 non-polymer 'SULFATE ION' 'O4 S -2'
#
# COMPACT_ATOMS: atom_id res chain seq x y z
N SER A 23 20.89 -4.10 3.71
CA SER A 23 20.30 -2.85 4.21
C SER A 23 18.92 -2.63 3.60
N GLY A 24 17.92 -2.46 4.46
CA GLY A 24 16.58 -2.24 3.99
C GLY A 24 15.73 -1.52 5.01
N PHE A 25 14.43 -1.46 4.76
CA PHE A 25 13.50 -0.93 5.73
C PHE A 25 13.43 -1.87 6.94
N TYR A 26 13.19 -1.30 8.11
CA TYR A 26 13.09 -2.09 9.34
C TYR A 26 11.90 -1.64 10.17
N VAL A 27 11.37 -2.54 11.00
CA VAL A 27 10.21 -2.23 11.80
C VAL A 27 10.58 -2.38 13.26
N ASP A 28 10.14 -1.42 14.07
CA ASP A 28 10.26 -1.57 15.51
C ASP A 28 8.96 -1.05 16.11
N GLY A 29 8.15 -1.94 16.68
CA GLY A 29 6.83 -1.53 17.15
C GLY A 29 5.99 -0.94 16.03
N ASN A 30 5.37 0.22 16.31
CA ASN A 30 4.49 0.86 15.32
C ASN A 30 5.22 1.87 14.42
N THR A 31 6.54 1.74 14.32
CA THR A 31 7.32 2.65 13.47
C THR A 31 8.07 1.89 12.38
N LEU A 32 7.96 2.39 11.15
CA LEU A 32 8.76 1.91 10.04
C LEU A 32 9.99 2.83 9.86
N TYR A 33 11.17 2.24 9.73
CA TYR A 33 12.43 2.98 9.56
C TYR A 33 13.06 2.70 8.19
N ASP A 34 13.60 3.73 7.55
CA ASP A 34 14.39 3.49 6.34
C ASP A 34 15.76 2.91 6.71
N ALA A 35 16.58 2.64 5.71
CA ALA A 35 17.86 1.97 5.93
C ALA A 35 18.89 2.82 6.67
N ASN A 36 18.63 4.12 6.77
CA ASN A 36 19.42 5.05 7.60
C ASN A 36 18.87 5.18 9.01
N GLY A 37 17.92 4.32 9.35
CA GLY A 37 17.29 4.30 10.65
C GLY A 37 16.37 5.47 10.92
N GLN A 38 16.02 6.21 9.88
CA GLN A 38 15.12 7.35 10.03
C GLN A 38 13.66 6.92 9.82
N PRO A 39 12.76 7.34 10.73
CA PRO A 39 11.35 6.97 10.58
C PRO A 39 10.84 7.39 9.21
N PHE A 40 10.06 6.53 8.58
CA PHE A 40 9.55 6.83 7.26
C PHE A 40 8.03 6.78 7.29
N VAL A 41 7.41 7.89 6.96
CA VAL A 41 5.96 7.94 6.94
C VAL A 41 5.55 8.08 5.48
N MET A 42 4.96 7.02 4.92
CA MET A 42 4.54 7.08 3.52
C MET A 42 3.51 8.17 3.34
N LYS A 43 3.69 8.92 2.25
CA LYS A 43 2.71 9.91 1.80
C LYS A 43 2.72 9.79 0.29
N GLY A 44 1.71 9.15 -0.27
CA GLY A 44 1.81 8.81 -1.67
C GLY A 44 0.52 8.45 -2.39
N ILE A 45 0.67 7.73 -3.50
CA ILE A 45 -0.39 7.56 -4.47
C ILE A 45 -0.36 6.18 -5.07
N ASN A 46 -1.54 5.57 -5.21
CA ASN A 46 -1.70 4.32 -5.94
C ASN A 46 -1.77 4.58 -7.43
N HIS A 47 -1.07 3.74 -8.19
CA HIS A 47 -1.10 3.78 -9.65
C HIS A 47 -1.52 2.43 -10.20
N GLY A 48 -2.55 2.44 -11.05
CA GLY A 48 -3.12 1.21 -11.59
C GLY A 48 -2.35 0.66 -12.77
N HIS A 49 -1.04 0.50 -12.56
CA HIS A 49 -0.14 0.04 -13.61
C HIS A 49 -0.63 -1.17 -14.39
N ALA A 50 -1.10 -2.18 -13.65
CA ALA A 50 -1.45 -3.46 -14.26
C ALA A 50 -2.40 -3.30 -15.43
N TRP A 51 -3.26 -2.29 -15.36
CA TRP A 51 -4.35 -2.10 -16.31
C TRP A 51 -3.98 -1.05 -17.37
N TYR A 52 -2.82 -0.43 -17.17
CA TYR A 52 -2.35 0.69 -17.98
C TYR A 52 -0.82 0.61 -18.08
N LYS A 53 -0.32 -0.50 -18.58
CA LYS A 53 1.11 -0.79 -18.47
C LYS A 53 1.99 0.19 -19.22
N ASP A 54 1.54 0.66 -20.38
CA ASP A 54 2.35 1.56 -21.20
CA ASP A 54 2.41 1.55 -21.16
C ASP A 54 2.40 2.99 -20.67
N THR A 55 1.70 3.28 -19.56
CA THR A 55 1.70 4.63 -19.02
C THR A 55 2.83 4.87 -18.02
N ALA A 56 3.60 3.82 -17.73
CA ALA A 56 4.61 3.87 -16.67
C ALA A 56 5.51 5.10 -16.75
N SER A 57 6.11 5.36 -17.90
CA SER A 57 7.08 6.45 -18.02
C SER A 57 6.45 7.83 -17.98
N THR A 58 5.12 7.89 -18.04
CA THR A 58 4.43 9.15 -17.84
C THR A 58 3.90 9.26 -16.40
N ALA A 59 3.19 8.21 -15.98
CA ALA A 59 2.46 8.25 -14.72
C ALA A 59 3.38 8.24 -13.49
N ILE A 60 4.43 7.42 -13.52
CA ILE A 60 5.28 7.27 -12.35
C ILE A 60 6.05 8.57 -12.08
N PRO A 61 6.66 9.16 -13.12
CA PRO A 61 7.31 10.45 -12.83
C PRO A 61 6.30 11.55 -12.49
N ALA A 62 5.12 11.53 -13.11
CA ALA A 62 4.08 12.51 -12.80
C ALA A 62 3.70 12.43 -11.33
N ILE A 63 3.59 11.21 -10.81
CA ILE A 63 3.31 11.00 -9.40
C ILE A 63 4.42 11.57 -8.53
N ALA A 64 5.66 11.32 -8.92
CA ALA A 64 6.80 11.96 -8.23
C ALA A 64 6.72 13.50 -8.20
N GLU A 65 6.31 14.08 -9.32
CA GLU A 65 6.21 15.54 -9.41
C GLU A 65 5.24 16.12 -8.40
N GLN A 66 4.32 15.29 -7.90
CA GLN A 66 3.31 15.75 -6.94
C GLN A 66 3.85 15.82 -5.53
N GLY A 67 5.05 15.29 -5.34
CA GLY A 67 5.67 15.25 -4.02
C GLY A 67 5.51 13.93 -3.28
N ALA A 68 4.89 12.94 -3.91
CA ALA A 68 4.73 11.62 -3.29
C ALA A 68 6.09 11.02 -2.94
N ASN A 69 6.25 10.53 -1.71
CA ASN A 69 7.50 9.84 -1.35
C ASN A 69 7.42 8.34 -1.59
N THR A 70 6.24 7.89 -2.01
CA THR A 70 5.96 6.48 -2.20
C THR A 70 4.92 6.32 -3.29
N ILE A 71 5.10 5.34 -4.16
CA ILE A 71 4.04 4.96 -5.12
C ILE A 71 3.65 3.51 -4.85
N ARG A 72 2.35 3.25 -4.75
CA ARG A 72 1.88 1.89 -4.65
C ARG A 72 1.54 1.46 -6.07
N ILE A 73 2.22 0.41 -6.52
CA ILE A 73 2.12 -0.04 -7.90
C ILE A 73 1.32 -1.32 -7.99
N VAL A 74 0.18 -1.20 -8.68
CA VAL A 74 -0.70 -2.34 -8.92
C VAL A 74 -0.11 -3.30 -9.95
N LEU A 75 0.22 -4.51 -9.51
CA LEU A 75 0.66 -5.56 -10.42
C LEU A 75 -0.38 -6.66 -10.52
N SER A 76 -0.30 -7.42 -11.61
CA SER A 76 -1.11 -8.62 -11.78
C SER A 76 -0.26 -9.86 -11.85
N ASP A 77 -0.70 -10.90 -11.17
CA ASP A 77 -0.07 -12.22 -11.30
C ASP A 77 -0.75 -13.08 -12.37
N GLY A 78 -1.54 -12.44 -13.24
CA GLY A 78 -2.20 -13.14 -14.34
C GLY A 78 -3.48 -13.85 -13.95
N GLY A 79 -3.86 -13.72 -12.68
CA GLY A 79 -5.05 -14.38 -12.16
C GLY A 79 -6.32 -13.80 -12.75
N GLN A 80 -6.35 -12.47 -12.86
CA GLN A 80 -7.54 -11.77 -13.36
C GLN A 80 -7.25 -10.86 -14.54
N TRP A 81 -6.01 -10.41 -14.68
CA TRP A 81 -5.61 -9.49 -15.76
C TRP A 81 -4.31 -9.94 -16.40
N GLU A 82 -3.73 -9.08 -17.23
CA GLU A 82 -2.50 -9.45 -17.94
C GLU A 82 -1.35 -9.45 -16.94
N LYS A 83 -0.68 -10.58 -16.82
CA LYS A 83 0.43 -10.75 -15.90
C LYS A 83 1.57 -9.76 -16.16
N ASP A 84 2.11 -9.20 -15.09
CA ASP A 84 3.27 -8.34 -15.20
C ASP A 84 4.53 -9.17 -15.10
N ASP A 85 5.26 -9.28 -16.20
CA ASP A 85 6.46 -10.12 -16.23
C ASP A 85 7.63 -9.48 -15.49
N ILE A 86 8.69 -10.24 -15.35
CA ILE A 86 9.79 -9.80 -14.51
C ILE A 86 10.45 -8.53 -15.06
N ASP A 87 10.48 -8.37 -16.38
CA ASP A 87 11.07 -7.17 -16.96
C ASP A 87 10.23 -5.93 -16.60
N THR A 88 8.92 -6.13 -16.60
CA THR A 88 7.98 -5.07 -16.24
C THR A 88 8.12 -4.68 -14.77
N VAL A 89 8.24 -5.67 -13.89
CA VAL A 89 8.46 -5.41 -12.47
C VAL A 89 9.73 -4.59 -12.28
N ARG A 90 10.81 -5.02 -12.92
CA ARG A 90 12.06 -4.26 -12.85
C ARG A 90 11.87 -2.83 -13.36
N GLU A 91 11.15 -2.68 -14.48
CA GLU A 91 10.95 -1.39 -15.12
C GLU A 91 10.27 -0.40 -14.18
N VAL A 92 9.18 -0.84 -13.57
CA VAL A 92 8.37 0.06 -12.74
C VAL A 92 9.04 0.39 -11.41
N ILE A 93 9.73 -0.58 -10.81
CA ILE A 93 10.46 -0.27 -9.57
C ILE A 93 11.63 0.70 -9.86
N GLU A 94 12.26 0.51 -11.01
CA GLU A 94 13.37 1.36 -11.43
C GLU A 94 12.86 2.79 -11.65
N LEU A 95 11.73 2.94 -12.36
CA LEU A 95 11.18 4.28 -12.55
C LEU A 95 10.85 4.96 -11.22
N ALA A 96 10.36 4.20 -10.23
CA ALA A 96 10.05 4.76 -8.91
C ALA A 96 11.33 5.25 -8.21
N GLU A 97 12.29 4.34 -8.11
CA GLU A 97 13.57 4.61 -7.47
C GLU A 97 14.27 5.80 -8.10
N GLN A 98 14.26 5.88 -9.43
CA GLN A 98 14.97 6.93 -10.15
C GLN A 98 14.18 8.24 -10.17
N ASN A 99 13.03 8.22 -9.50
CA ASN A 99 12.31 9.46 -9.22
C ASN A 99 12.17 9.66 -7.73
N LYS A 100 13.05 9.01 -6.97
CA LYS A 100 13.16 9.22 -5.53
C LYS A 100 11.90 8.84 -4.77
N MET A 101 11.23 7.79 -5.24
CA MET A 101 10.06 7.25 -4.56
C MET A 101 10.27 5.80 -4.14
N VAL A 102 9.85 5.48 -2.93
CA VAL A 102 9.71 4.10 -2.48
C VAL A 102 8.59 3.45 -3.28
N ALA A 103 8.80 2.20 -3.68
CA ALA A 103 7.78 1.43 -4.41
C ALA A 103 7.17 0.40 -3.47
N VAL A 104 5.87 0.50 -3.26
CA VAL A 104 5.12 -0.55 -2.59
C VAL A 104 4.49 -1.36 -3.72
N VAL A 105 5.07 -2.50 -4.02
CA VAL A 105 4.51 -3.34 -5.09
C VAL A 105 3.41 -4.22 -4.49
N GLU A 106 2.32 -4.44 -5.24
CA GLU A 106 1.25 -5.29 -4.74
C GLU A 106 0.64 -6.10 -5.85
N VAL A 107 0.25 -7.33 -5.52
CA VAL A 107 -0.50 -8.19 -6.44
C VAL A 107 -2.00 -8.02 -6.22
N HIS A 108 -2.74 -7.72 -7.28
CA HIS A 108 -4.13 -7.27 -7.13
C HIS A 108 -5.19 -8.35 -7.42
N ASP A 109 -4.76 -9.50 -7.93
CA ASP A 109 -5.71 -10.50 -8.44
C ASP A 109 -6.50 -11.27 -7.40
N ALA A 110 -6.13 -11.14 -6.13
CA ALA A 110 -6.79 -11.86 -5.04
C ALA A 110 -7.82 -10.98 -4.33
N THR A 111 -8.00 -9.78 -4.88
CA THR A 111 -8.85 -8.76 -4.27
C THR A 111 -10.23 -9.30 -3.92
N GLY A 112 -10.54 -9.25 -2.62
CA GLY A 112 -11.86 -9.56 -2.11
C GLY A 112 -12.13 -11.05 -1.97
N ARG A 113 -11.19 -11.88 -2.43
CA ARG A 113 -11.38 -13.32 -2.38
C ARG A 113 -10.96 -13.96 -1.04
N ASP A 114 -11.80 -14.86 -0.53
CA ASP A 114 -11.49 -15.63 0.67
C ASP A 114 -10.61 -16.84 0.36
N SER A 115 -10.63 -17.31 -0.88
CA SER A 115 -9.93 -18.56 -1.22
C SER A 115 -8.43 -18.50 -0.98
N ARG A 116 -7.90 -19.53 -0.34
CA ARG A 116 -6.47 -19.62 -0.09
C ARG A 116 -5.72 -19.70 -1.43
N SER A 117 -6.34 -20.31 -2.42
CA SER A 117 -5.68 -20.48 -3.71
C SER A 117 -5.19 -19.15 -4.31
N ASP A 118 -5.98 -18.11 -4.10
CA ASP A 118 -5.66 -16.79 -4.67
C ASP A 118 -4.45 -16.17 -3.98
N LEU A 119 -4.34 -16.42 -2.68
CA LEU A 119 -3.19 -15.94 -1.93
C LEU A 119 -1.96 -16.77 -2.34
N ASP A 120 -2.16 -18.08 -2.52
CA ASP A 120 -1.07 -18.95 -2.98
C ASP A 120 -0.49 -18.40 -4.28
N ARG A 121 -1.36 -17.99 -5.18
CA ARG A 121 -0.93 -17.52 -6.49
C ARG A 121 -0.09 -16.26 -6.35
N ALA A 122 -0.49 -15.38 -5.43
CA ALA A 122 0.26 -14.15 -5.17
C ALA A 122 1.64 -14.49 -4.57
N VAL A 123 1.66 -15.36 -3.59
CA VAL A 123 2.92 -15.74 -2.96
C VAL A 123 3.88 -16.33 -4.00
N ASP A 124 3.37 -17.23 -4.83
CA ASP A 124 4.21 -17.86 -5.84
C ASP A 124 4.74 -16.83 -6.84
N TYR A 125 3.93 -15.81 -7.11
CA TYR A 125 4.33 -14.70 -7.99
C TYR A 125 5.54 -13.96 -7.43
N TRP A 126 5.48 -13.56 -6.16
CA TRP A 126 6.62 -12.88 -5.54
C TRP A 126 7.89 -13.72 -5.63
N ILE A 127 7.75 -15.02 -5.36
CA ILE A 127 8.89 -15.95 -5.41
C ILE A 127 9.40 -16.07 -6.85
N GLU A 128 8.47 -16.14 -7.80
CA GLU A 128 8.87 -16.16 -9.20
C GLU A 128 9.67 -14.91 -9.59
N MET A 129 9.32 -13.79 -8.99
CA MET A 129 9.91 -12.50 -9.39
C MET A 129 11.04 -12.07 -8.47
N LYS A 130 11.49 -12.97 -7.60
CA LYS A 130 12.45 -12.59 -6.55
C LYS A 130 13.72 -11.90 -7.05
N ASP A 131 14.16 -12.26 -8.24
CA ASP A 131 15.39 -11.68 -8.79
C ASP A 131 15.24 -10.20 -9.13
N ALA A 132 14.02 -9.75 -9.35
CA ALA A 132 13.76 -8.31 -9.56
C ALA A 132 13.70 -7.54 -8.23
N LEU A 133 13.55 -8.29 -7.14
CA LEU A 133 13.27 -7.71 -5.83
C LEU A 133 14.45 -7.76 -4.87
N ILE A 134 15.14 -8.89 -4.83
CA ILE A 134 16.31 -9.04 -3.98
C ILE A 134 17.36 -7.99 -4.32
N GLY A 135 17.86 -7.31 -3.28
CA GLY A 135 18.81 -6.23 -3.43
C GLY A 135 18.17 -4.87 -3.46
N LYS A 136 16.84 -4.85 -3.50
CA LYS A 136 16.10 -3.59 -3.53
C LYS A 136 15.38 -3.33 -2.21
N GLU A 137 15.91 -3.90 -1.11
CA GLU A 137 15.18 -3.90 0.15
C GLU A 137 15.09 -2.52 0.79
N ASP A 138 15.97 -1.62 0.36
CA ASP A 138 15.95 -0.26 0.89
C ASP A 138 15.05 0.68 0.10
N THR A 139 14.46 0.19 -0.99
CA THR A 139 13.63 1.02 -1.85
C THR A 139 12.28 0.39 -2.23
N VAL A 140 12.09 -0.89 -1.90
CA VAL A 140 10.90 -1.64 -2.27
C VAL A 140 10.27 -2.34 -1.07
N ILE A 141 8.95 -2.20 -0.92
CA ILE A 141 8.22 -2.84 0.15
C ILE A 141 7.18 -3.70 -0.53
N ILE A 142 7.02 -4.96 -0.07
CA ILE A 142 6.17 -5.90 -0.78
C ILE A 142 4.84 -6.06 -0.07
N ASN A 143 3.78 -5.56 -0.70
CA ASN A 143 2.41 -5.67 -0.19
C ASN A 143 1.86 -6.98 -0.77
N ILE A 144 1.77 -8.00 0.07
CA ILE A 144 1.60 -9.37 -0.40
C ILE A 144 0.46 -9.58 -1.37
N ALA A 145 -0.73 -9.12 -0.98
CA ALA A 145 -1.87 -9.19 -1.85
C ALA A 145 -2.84 -8.08 -1.49
N ASN A 146 -3.33 -7.35 -2.48
CA ASN A 146 -4.37 -6.37 -2.25
C ASN A 146 -5.64 -7.04 -1.72
N GLU A 147 -6.09 -6.61 -0.55
CA GLU A 147 -7.43 -6.96 -0.09
C GLU A 147 -7.77 -8.45 -0.12
N TRP A 148 -6.80 -9.31 0.18
CA TRP A 148 -7.13 -10.73 0.27
C TRP A 148 -7.95 -11.02 1.51
N TYR A 149 -8.94 -11.88 1.35
CA TYR A 149 -9.89 -12.24 2.40
C TYR A 149 -10.96 -11.16 2.60
N GLY A 150 -11.99 -11.22 1.77
CA GLY A 150 -13.03 -10.21 1.79
C GLY A 150 -13.94 -10.30 2.99
N SER A 151 -14.14 -11.51 3.51
CA SER A 151 -15.02 -11.68 4.66
C SER A 151 -14.39 -11.16 5.96
N TRP A 152 -15.23 -10.83 6.93
CA TRP A 152 -14.77 -10.26 8.18
C TRP A 152 -14.47 -11.40 9.14
N ASP A 153 -13.29 -11.97 8.99
CA ASP A 153 -12.92 -13.14 9.75
C ASP A 153 -11.43 -13.02 10.06
N GLY A 154 -11.12 -12.53 11.26
CA GLY A 154 -9.75 -12.30 11.67
C GLY A 154 -8.93 -13.57 11.68
N ALA A 155 -9.48 -14.65 12.23
CA ALA A 155 -8.74 -15.91 12.38
C ALA A 155 -8.32 -16.49 11.05
N ALA A 156 -9.23 -16.51 10.09
CA ALA A 156 -8.94 -17.15 8.81
C ALA A 156 -7.94 -16.31 8.04
N TRP A 157 -8.14 -14.99 8.08
CA TRP A 157 -7.21 -14.03 7.48
C TRP A 157 -5.81 -14.27 8.05
N ALA A 158 -5.73 -14.37 9.36
CA ALA A 158 -4.44 -14.59 10.04
C ALA A 158 -3.75 -15.87 9.54
N ASP A 159 -4.49 -16.98 9.48
CA ASP A 159 -3.89 -18.26 9.05
C ASP A 159 -3.27 -18.15 7.66
N GLY A 160 -3.92 -17.39 6.79
CA GLY A 160 -3.39 -17.19 5.46
C GLY A 160 -1.98 -16.61 5.48
N TYR A 161 -1.80 -15.57 6.28
CA TYR A 161 -0.51 -14.88 6.35
C TYR A 161 0.51 -15.61 7.21
N ILE A 162 0.03 -16.32 8.23
CA ILE A 162 0.89 -17.16 9.04
C ILE A 162 1.54 -18.24 8.17
N ASP A 163 0.76 -18.74 7.20
CA ASP A 163 1.26 -19.72 6.25
C ASP A 163 2.18 -19.07 5.19
N VAL A 164 1.79 -17.87 4.74
CA VAL A 164 2.43 -17.21 3.59
C VAL A 164 3.80 -16.59 3.87
N ILE A 165 3.90 -15.85 4.97
CA ILE A 165 5.12 -15.11 5.27
C ILE A 165 6.41 -15.96 5.29
N PRO A 166 6.40 -17.10 5.98
CA PRO A 166 7.64 -17.92 5.98
C PRO A 166 8.08 -18.38 4.59
N LYS A 167 7.15 -18.60 3.67
CA LYS A 167 7.52 -19.05 2.32
C LYS A 167 8.25 -17.93 1.61
N LEU A 168 7.84 -16.69 1.86
CA LEU A 168 8.50 -15.55 1.26
C LEU A 168 9.89 -15.39 1.84
N ARG A 169 10.01 -15.54 3.15
CA ARG A 169 11.31 -15.44 3.79
C ARG A 169 12.20 -16.56 3.27
N ASP A 170 11.66 -17.78 3.17
CA ASP A 170 12.44 -18.93 2.72
C ASP A 170 13.00 -18.70 1.32
N ALA A 171 12.27 -17.92 0.53
CA ALA A 171 12.69 -17.62 -0.84
C ALA A 171 13.80 -16.58 -0.89
N GLY A 172 14.13 -15.98 0.25
CA GLY A 172 15.22 -15.03 0.33
C GLY A 172 14.77 -13.58 0.24
N LEU A 173 13.46 -13.37 0.34
CA LEU A 173 12.88 -12.03 0.36
C LEU A 173 12.89 -11.48 1.79
N THR A 174 13.75 -10.50 2.03
CA THR A 174 13.91 -9.89 3.35
C THR A 174 13.27 -8.49 3.44
N HIS A 175 12.54 -8.09 2.40
CA HIS A 175 11.86 -6.79 2.38
C HIS A 175 10.87 -6.67 3.51
N THR A 176 10.62 -5.44 3.96
CA THR A 176 9.44 -5.22 4.78
C THR A 176 8.23 -5.72 3.98
N LEU A 177 7.36 -6.47 4.66
CA LEU A 177 6.14 -6.98 4.03
C LEU A 177 4.96 -6.20 4.55
N MET A 178 4.07 -5.82 3.65
CA MET A 178 2.86 -5.11 4.02
C MET A 178 1.66 -6.05 3.85
N VAL A 179 0.85 -6.14 4.91
CA VAL A 179 -0.27 -7.07 4.93
C VAL A 179 -1.59 -6.31 5.04
N ASP A 180 -2.46 -6.45 4.03
CA ASP A 180 -3.76 -5.79 4.08
C ASP A 180 -4.73 -6.45 5.07
N ALA A 181 -5.42 -5.62 5.86
CA ALA A 181 -6.49 -6.07 6.74
C ALA A 181 -7.50 -6.89 5.96
N ALA A 182 -8.20 -7.80 6.66
CA ALA A 182 -9.35 -8.50 6.10
C ALA A 182 -10.46 -7.53 5.74
N GLY A 183 -11.54 -8.02 5.12
CA GLY A 183 -12.67 -7.16 4.82
C GLY A 183 -12.40 -6.16 3.70
N TRP A 184 -11.61 -6.55 2.71
CA TRP A 184 -11.19 -5.67 1.60
C TRP A 184 -10.41 -4.50 2.18
N GLY A 185 -9.66 -4.76 3.24
CA GLY A 185 -8.90 -3.73 3.91
C GLY A 185 -9.71 -2.92 4.91
N GLN A 186 -11.03 -3.14 4.96
CA GLN A 186 -11.92 -2.32 5.77
C GLN A 186 -12.38 -2.96 7.08
N TYR A 187 -11.81 -4.11 7.44
CA TYR A 187 -12.09 -4.74 8.73
C TYR A 187 -10.81 -4.77 9.56
N PRO A 188 -10.39 -3.60 10.08
CA PRO A 188 -9.11 -3.53 10.81
C PRO A 188 -9.15 -4.25 12.15
N GLN A 189 -10.34 -4.64 12.62
CA GLN A 189 -10.45 -5.49 13.79
C GLN A 189 -9.55 -6.70 13.62
N SER A 190 -9.38 -7.17 12.37
CA SER A 190 -8.54 -8.34 12.12
C SER A 190 -7.10 -8.10 12.58
N ILE A 191 -6.56 -6.93 12.27
CA ILE A 191 -5.20 -6.59 12.69
C ILE A 191 -5.16 -6.42 14.20
N HIS A 192 -6.14 -5.74 14.78
CA HIS A 192 -6.14 -5.62 16.24
C HIS A 192 -6.09 -6.99 16.91
N ASP A 193 -6.93 -7.92 16.44
CA ASP A 193 -7.08 -9.21 17.12
C ASP A 193 -6.01 -10.24 16.80
N TYR A 194 -5.49 -10.20 15.58
CA TYR A 194 -4.60 -11.26 15.09
C TYR A 194 -3.29 -10.74 14.47
N GLY A 195 -3.12 -9.42 14.43
CA GLY A 195 -1.97 -8.84 13.78
C GLY A 195 -0.67 -9.30 14.42
N GLN A 196 -0.66 -9.36 15.76
CA GLN A 196 0.56 -9.78 16.43
C GLN A 196 0.87 -11.24 16.08
N ASP A 197 -0.16 -12.07 15.93
CA ASP A 197 0.06 -13.47 15.52
C ASP A 197 0.70 -13.53 14.13
N VAL A 198 0.22 -12.68 13.23
CA VAL A 198 0.79 -12.60 11.88
C VAL A 198 2.24 -12.14 11.94
N PHE A 199 2.50 -11.09 12.72
CA PHE A 199 3.84 -10.55 12.86
C PHE A 199 4.79 -11.60 13.41
N ASN A 200 4.35 -12.31 14.46
CA ASN A 200 5.12 -13.41 15.08
C ASN A 200 5.52 -14.50 14.08
N ALA A 201 4.72 -14.70 13.03
CA ALA A 201 5.03 -15.67 11.99
C ALA A 201 6.16 -15.23 11.08
N ASP A 202 6.59 -13.97 11.20
CA ASP A 202 7.71 -13.46 10.41
C ASP A 202 9.02 -13.58 11.20
N PRO A 203 9.87 -14.55 10.87
CA PRO A 203 11.09 -14.66 11.68
C PRO A 203 11.92 -13.38 11.64
N LEU A 204 11.74 -12.58 10.58
CA LEU A 204 12.43 -11.30 10.40
C LEU A 204 11.85 -10.15 11.21
N LYS A 205 10.67 -10.34 11.78
CA LYS A 205 10.02 -9.29 12.54
C LYS A 205 10.05 -7.99 11.73
N ASN A 206 9.61 -8.09 10.50
CA ASN A 206 9.64 -6.97 9.55
C ASN A 206 8.40 -6.98 8.67
N THR A 207 7.25 -6.84 9.32
CA THR A 207 5.95 -6.87 8.66
C THR A 207 5.14 -5.68 9.18
N ILE A 208 4.46 -5.00 8.27
CA ILE A 208 3.59 -3.90 8.67
C ILE A 208 2.19 -4.14 8.10
N PHE A 209 1.22 -3.35 8.54
CA PHE A 209 -0.18 -3.64 8.19
C PHE A 209 -0.81 -2.48 7.48
N SER A 210 -1.83 -2.78 6.70
CA SER A 210 -2.51 -1.74 5.94
C SER A 210 -4.02 -1.84 6.13
N ILE A 211 -4.64 -0.66 6.28
CA ILE A 211 -6.08 -0.54 6.24
C ILE A 211 -6.45 0.24 4.98
N HIS A 212 -7.54 -0.13 4.34
CA HIS A 212 -8.08 0.67 3.26
C HIS A 212 -9.32 1.38 3.77
N MET A 213 -9.32 2.71 3.72
CA MET A 213 -10.39 3.46 4.33
C MET A 213 -11.31 4.03 3.29
N TYR A 214 -12.48 3.40 3.16
CA TYR A 214 -13.56 3.97 2.36
C TYR A 214 -14.75 4.18 3.28
N GLU A 215 -15.97 3.96 2.80
CA GLU A 215 -17.15 4.28 3.60
C GLU A 215 -17.21 3.59 4.97
N TYR A 216 -16.78 2.34 5.07
CA TYR A 216 -16.85 1.68 6.37
C TYR A 216 -15.72 2.06 7.29
N ALA A 217 -14.48 1.79 6.87
CA ALA A 217 -13.32 1.98 7.74
C ALA A 217 -12.89 3.43 7.89
N GLY A 218 -13.39 4.31 7.03
CA GLY A 218 -13.08 5.74 7.09
C GLY A 218 -14.28 6.67 7.08
N GLY A 219 -15.43 6.18 7.54
CA GLY A 219 -16.70 6.89 7.35
C GLY A 219 -16.91 8.21 8.08
N ASP A 220 -16.27 8.36 9.24
CA ASP A 220 -16.33 9.59 10.00
C ASP A 220 -15.07 9.76 10.83
N ALA A 221 -14.89 10.93 11.44
CA ALA A 221 -13.69 11.23 12.21
C ALA A 221 -13.44 10.19 13.30
N ASN A 222 -14.45 9.90 14.10
CA ASN A 222 -14.30 8.96 15.19
C ASN A 222 -13.82 7.61 14.69
N THR A 223 -14.42 7.16 13.59
CA THR A 223 -14.08 5.87 13.00
C THR A 223 -12.62 5.84 12.51
N VAL A 224 -12.21 6.90 11.81
CA VAL A 224 -10.83 6.98 11.31
C VAL A 224 -9.85 6.86 12.47
N ARG A 225 -10.08 7.64 13.52
CA ARG A 225 -9.19 7.66 14.66
C ARG A 225 -9.18 6.30 15.37
N SER A 226 -10.36 5.72 15.54
N SER A 226 -10.36 5.73 15.56
CA SER A 226 -10.45 4.45 16.26
CA SER A 226 -10.47 4.46 16.25
C SER A 226 -9.77 3.32 15.51
C SER A 226 -9.74 3.35 15.51
N ASN A 227 -9.88 3.34 14.18
CA ASN A 227 -9.29 2.31 13.36
C ASN A 227 -7.77 2.39 13.29
N ILE A 228 -7.23 3.61 13.27
CA ILE A 228 -5.79 3.79 13.32
C ILE A 228 -5.28 3.37 14.69
N ASP A 229 -5.95 3.85 15.74
CA ASP A 229 -5.55 3.52 17.10
C ASP A 229 -5.54 2.01 17.39
N ARG A 230 -6.55 1.29 16.90
CA ARG A 230 -6.69 -0.12 17.23
C ARG A 230 -5.54 -0.95 16.65
N VAL A 231 -4.77 -0.36 15.74
CA VAL A 231 -3.56 -1.00 15.24
C VAL A 231 -2.31 -0.50 15.94
N ILE A 232 -2.08 0.81 15.90
CA ILE A 232 -0.80 1.31 16.37
C ILE A 232 -0.68 1.18 17.88
N ASP A 233 -1.80 1.16 18.60
CA ASP A 233 -1.73 0.97 20.04
C ASP A 233 -1.39 -0.48 20.41
N GLN A 234 -1.42 -1.37 19.42
CA GLN A 234 -0.93 -2.74 19.61
C GLN A 234 0.57 -2.82 19.27
N ASP A 235 1.19 -1.67 19.11
CA ASP A 235 2.58 -1.59 18.69
C ASP A 235 2.84 -2.38 17.41
N LEU A 236 1.91 -2.21 16.48
CA LEU A 236 2.02 -2.73 15.13
C LEU A 236 2.06 -1.51 14.20
N ALA A 237 2.86 -1.62 13.15
CA ALA A 237 3.05 -0.52 12.22
C ALA A 237 1.90 -0.49 11.21
N LEU A 238 1.49 0.72 10.82
CA LEU A 238 0.30 0.88 10.00
C LEU A 238 0.48 1.89 8.87
N VAL A 239 -0.05 1.51 7.70
CA VAL A 239 -0.23 2.44 6.59
C VAL A 239 -1.69 2.39 6.15
N ILE A 240 -2.23 3.52 5.74
CA ILE A 240 -3.53 3.52 5.08
C ILE A 240 -3.27 3.35 3.58
N GLY A 241 -3.18 2.09 3.15
CA GLY A 241 -2.71 1.76 1.82
C GLY A 241 -3.62 2.18 0.67
N GLU A 242 -4.89 2.40 0.97
CA GLU A 242 -5.81 3.09 0.07
C GLU A 242 -6.77 3.90 0.92
N PHE A 243 -7.23 5.01 0.36
CA PHE A 243 -8.38 5.69 0.93
C PHE A 243 -9.03 6.58 -0.09
N GLY A 244 -10.29 6.95 0.18
CA GLY A 244 -11.07 7.73 -0.75
C GLY A 244 -11.57 9.04 -0.15
N HIS A 245 -12.68 9.52 -0.69
CA HIS A 245 -13.26 10.77 -0.24
C HIS A 245 -14.78 10.71 -0.35
N ARG A 246 -15.43 11.68 0.28
CA ARG A 246 -16.88 11.81 0.20
C ARG A 246 -17.29 11.97 -1.25
N HIS A 247 -18.43 11.39 -1.60
CA HIS A 247 -19.00 11.55 -2.94
C HIS A 247 -20.51 11.33 -2.88
N THR A 248 -21.18 11.50 -4.02
CA THR A 248 -22.63 11.35 -4.07
C THR A 248 -23.18 10.32 -3.09
N ASP A 251 -19.91 8.57 2.44
CA ASP A 251 -19.07 9.49 3.19
C ASP A 251 -17.74 8.85 3.58
N VAL A 252 -16.65 9.54 3.26
CA VAL A 252 -15.32 9.13 3.67
C VAL A 252 -14.64 10.41 4.13
N ASP A 253 -14.01 10.37 5.30
CA ASP A 253 -13.47 11.57 5.93
C ASP A 253 -11.98 11.74 5.65
N GLU A 254 -11.65 12.17 4.44
CA GLU A 254 -10.26 12.29 4.02
C GLU A 254 -9.53 13.35 4.86
N ASP A 255 -10.26 14.38 5.31
CA ASP A 255 -9.63 15.39 6.17
C ASP A 255 -9.02 14.75 7.43
N THR A 256 -9.78 13.88 8.10
CA THR A 256 -9.29 13.27 9.33
C THR A 256 -8.24 12.21 9.07
N ILE A 257 -8.37 11.48 7.97
CA ILE A 257 -7.33 10.55 7.57
C ILE A 257 -6.03 11.29 7.42
N LEU A 258 -6.07 12.42 6.70
CA LEU A 258 -4.89 13.24 6.52
C LEU A 258 -4.36 13.85 7.83
N SER A 259 -5.22 14.49 8.61
CA SER A 259 -4.74 15.15 9.81
C SER A 259 -4.32 14.17 10.91
N TYR A 260 -5.09 13.10 11.10
CA TYR A 260 -4.78 12.18 12.19
C TYR A 260 -3.59 11.30 11.83
N SER A 261 -3.42 10.99 10.54
CA SER A 261 -2.23 10.27 10.12
C SER A 261 -1.00 11.12 10.44
N GLU A 262 -1.05 12.38 10.06
CA GLU A 262 0.05 13.31 10.32
C GLU A 262 0.37 13.38 11.82
N GLU A 263 -0.65 13.47 12.66
CA GLU A 263 -0.46 13.52 14.10
C GLU A 263 0.23 12.27 14.67
N THR A 264 -0.12 11.11 14.12
CA THR A 264 0.35 9.83 14.67
C THR A 264 1.54 9.21 13.91
N GLY A 265 1.96 9.83 12.82
CA GLY A 265 3.05 9.27 12.03
C GLY A 265 2.61 8.07 11.23
N THR A 266 1.32 8.04 10.89
CA THR A 266 0.78 6.93 10.10
C THR A 266 0.87 7.31 8.64
N GLY A 267 1.39 6.41 7.81
CA GLY A 267 1.52 6.68 6.39
C GLY A 267 0.19 6.51 5.66
N TRP A 268 0.11 7.05 4.44
CA TRP A 268 -1.06 6.84 3.60
C TRP A 268 -0.73 6.89 2.12
N LEU A 269 -1.61 6.28 1.34
CA LEU A 269 -1.47 6.20 -0.12
C LEU A 269 -2.86 6.35 -0.71
N ALA A 270 -3.08 7.47 -1.41
CA ALA A 270 -4.42 7.77 -1.91
C ALA A 270 -4.76 6.94 -3.13
N TRP A 271 -6.02 6.58 -3.28
CA TRP A 271 -6.47 5.84 -4.47
C TRP A 271 -7.27 6.77 -5.38
N SER A 272 -6.93 6.91 -6.66
CA SER A 272 -5.69 6.46 -7.33
C SER A 272 -5.39 7.46 -8.45
N TRP A 273 -4.22 7.34 -9.06
CA TRP A 273 -3.76 8.39 -9.97
C TRP A 273 -4.75 8.65 -11.10
N LYS A 274 -5.05 7.61 -11.89
CA LYS A 274 -5.96 7.75 -13.01
C LYS A 274 -6.41 6.38 -13.47
N GLY A 275 -7.57 6.34 -14.11
CA GLY A 275 -7.98 5.15 -14.85
C GLY A 275 -9.05 4.31 -14.21
N ASN A 276 -9.68 4.82 -13.15
CA ASN A 276 -10.79 4.08 -12.56
C ASN A 276 -11.92 3.92 -13.57
N SER A 277 -12.64 2.81 -13.46
CA SER A 277 -13.83 2.62 -14.27
C SER A 277 -14.88 3.68 -13.93
N ALA A 278 -15.89 3.81 -14.78
CA ALA A 278 -16.88 4.86 -14.63
C ALA A 278 -17.48 4.90 -13.22
N GLU A 279 -17.72 3.73 -12.65
CA GLU A 279 -18.34 3.62 -11.34
C GLU A 279 -17.48 4.24 -10.24
N TRP A 280 -16.17 4.21 -10.42
CA TRP A 280 -15.25 4.70 -9.39
C TRP A 280 -14.41 5.87 -9.86
N ASP A 281 -14.74 6.48 -10.99
CA ASP A 281 -13.84 7.49 -11.54
C ASP A 281 -13.80 8.77 -10.71
N TYR A 282 -14.71 8.91 -9.74
CA TYR A 282 -14.62 10.01 -8.77
C TYR A 282 -13.33 9.86 -7.95
N LEU A 283 -12.71 8.69 -8.01
CA LEU A 283 -11.45 8.45 -7.30
C LEU A 283 -10.19 8.83 -8.11
N ASP A 284 -10.35 9.23 -9.37
CA ASP A 284 -9.16 9.63 -10.14
C ASP A 284 -8.59 10.93 -9.56
N LEU A 285 -7.29 10.91 -9.28
CA LEU A 285 -6.58 12.09 -8.77
C LEU A 285 -6.26 13.09 -9.88
N SER A 286 -6.11 12.59 -11.11
CA SER A 286 -5.66 13.43 -12.22
C SER A 286 -6.52 13.17 -13.46
N GLU A 287 -6.79 14.22 -14.21
CA GLU A 287 -7.51 14.09 -15.47
C GLU A 287 -6.61 13.45 -16.53
N ASP A 288 -5.32 13.78 -16.46
CA ASP A 288 -4.37 13.32 -17.48
C ASP A 288 -3.28 12.50 -16.82
N TRP A 289 -2.67 11.60 -17.60
CA TRP A 289 -1.59 10.77 -17.08
C TRP A 289 -0.39 11.58 -16.59
N ALA A 290 -0.16 12.75 -17.19
CA ALA A 290 0.99 13.58 -16.87
C ALA A 290 0.80 14.48 -15.64
N GLY A 291 -0.41 14.53 -15.10
CA GLY A 291 -0.63 15.31 -13.89
C GLY A 291 -0.62 16.81 -14.07
N ASN A 292 -0.85 17.28 -15.30
CA ASN A 292 -0.93 18.72 -15.52
C ASN A 292 -2.31 19.27 -15.17
N HIS A 293 -3.28 18.39 -15.02
CA HIS A 293 -4.63 18.82 -14.67
C HIS A 293 -5.22 17.90 -13.62
N LEU A 294 -4.99 18.25 -12.36
CA LEU A 294 -5.52 17.43 -11.28
C LEU A 294 -7.02 17.63 -11.14
N THR A 295 -7.71 16.60 -10.67
CA THR A 295 -9.11 16.72 -10.29
C THR A 295 -9.19 17.44 -8.95
N ASP A 296 -10.41 17.73 -8.49
CA ASP A 296 -10.58 18.30 -7.16
C ASP A 296 -9.98 17.37 -6.10
N TRP A 297 -10.16 16.07 -6.27
CA TRP A 297 -9.59 15.07 -5.37
C TRP A 297 -8.07 15.09 -5.38
N GLY A 298 -7.48 15.13 -6.58
CA GLY A 298 -6.04 15.25 -6.69
C GLY A 298 -5.52 16.52 -6.03
N ASN A 299 -6.21 17.63 -6.25
CA ASN A 299 -5.83 18.90 -5.62
C ASN A 299 -5.85 18.81 -4.09
N ARG A 300 -6.83 18.15 -3.54
CA ARG A 300 -6.91 18.00 -2.09
C ARG A 300 -5.70 17.23 -1.54
N ILE A 301 -5.37 16.12 -2.21
CA ILE A 301 -4.27 15.25 -1.79
C ILE A 301 -2.91 15.92 -1.98
N VAL A 302 -2.72 16.55 -3.14
CA VAL A 302 -1.42 17.13 -3.46
C VAL A 302 -1.19 18.48 -2.76
N HIS A 303 -2.17 19.38 -2.87
CA HIS A 303 -1.98 20.78 -2.49
C HIS A 303 -2.67 21.18 -1.21
N GLY A 304 -3.41 20.25 -0.59
CA GLY A 304 -4.23 20.58 0.56
C GLY A 304 -3.55 20.39 1.92
N ALA A 305 -4.22 20.85 2.96
CA ALA A 305 -3.69 20.73 4.32
C ALA A 305 -3.30 19.28 4.58
N ASN A 306 -2.13 19.08 5.18
CA ASN A 306 -1.63 17.75 5.49
C ASN A 306 -1.44 16.82 4.29
N GLY A 307 -1.40 17.40 3.09
CA GLY A 307 -1.23 16.63 1.87
C GLY A 307 0.22 16.44 1.49
N LEU A 308 0.46 16.08 0.23
CA LEU A 308 1.82 15.73 -0.21
C LEU A 308 2.81 16.88 -0.16
N GLN A 309 2.46 17.99 -0.80
CA GLN A 309 3.37 19.13 -0.84
C GLN A 309 3.63 19.64 0.58
N GLU A 310 2.61 19.58 1.45
CA GLU A 310 2.80 20.09 2.80
C GLU A 310 3.56 19.18 3.74
N THR A 311 3.43 17.86 3.59
CA THR A 311 3.95 16.95 4.60
C THR A 311 4.83 15.80 4.11
N SER A 312 4.86 15.55 2.81
CA SER A 312 5.65 14.40 2.33
C SER A 312 7.15 14.67 2.37
N LYS A 313 7.88 13.77 3.01
CA LYS A 313 9.34 13.85 3.07
C LYS A 313 9.96 12.63 2.41
N PRO A 314 10.93 12.83 1.52
CA PRO A 314 11.49 11.68 0.80
C PRO A 314 12.19 10.71 1.76
N SER A 315 12.23 9.43 1.41
CA SER A 315 13.05 8.48 2.16
C SER A 315 14.47 9.00 2.15
N THR A 316 15.18 8.87 3.25
CA THR A 316 16.52 9.47 3.32
C THR A 316 17.55 8.64 2.54
N VAL A 317 17.13 7.48 2.06
CA VAL A 317 18.02 6.64 1.28
C VAL A 317 18.35 7.35 -0.05
N PHE A 318 17.50 8.28 -0.44
CA PHE A 318 17.69 9.00 -1.71
C PHE A 318 18.55 10.23 -1.53
S SO4 B . -14.02 -16.68 -2.83
O1 SO4 B . -14.24 -15.50 -2.00
O2 SO4 B . -12.61 -16.89 -3.13
O3 SO4 B . -14.55 -17.86 -2.13
O4 SO4 B . -14.74 -16.49 -4.09
#